data_7CNY
#
_entry.id   7CNY
#
_cell.length_a   77.149
_cell.length_b   79.460
_cell.length_c   146.775
_cell.angle_alpha   90.000
_cell.angle_beta   90.000
_cell.angle_gamma   90.000
#
_symmetry.space_group_name_H-M   'P 21 21 21'
#
loop_
_entity.id
_entity.type
_entity.pdbx_description
1 polymer 'Phosphatidylserine decarboxylase beta chain'
2 polymer 'Phosphatidylserine decarboxylase alpha chain'
3 non-polymer DODECYL-BETA-D-MALTOSIDE
4 non-polymer 1,2-Dioctanoyl-SN-Glycero-3-Phosphoethanolamine
5 water water
#
loop_
_entity_poly.entity_id
_entity_poly.type
_entity_poly.pdbx_seq_one_letter_code
_entity_poly.pdbx_strand_id
1 'polypeptide(L)'
;MLNSFKLSLQYILPKLWLTRLAGWGASKRAGWLTKLVIDLFVKYYKVDMKEAQKPDTASYRTFNEFFVRPLRDEVRPIDT
DPNVLVMPADGVISQLGKIEEDKILQAKGHNYSLEALLAGNYLMADLFRNGTFVTTYLSPRDYHRVHMPCNGILREMIYV
PGDLFSVNHLTAQNVPNLFARNERVICLFDTEFGPMAQILVGATIVGSIETVWAGTITPPREGIIKRWTWPAGENDGSVA
LLKGQEMGRFKLG
;
A,C
2 'polypeptide(L)' (PYR)TVINLFAPGKVNLVEQLESLSVTKIGQPLAVSTGHHHHHHG B,D
#
loop_
_chem_comp.id
_chem_comp.type
_chem_comp.name
_chem_comp.formula
G8C non-polymer 1,2-Dioctanoyl-SN-Glycero-3-Phosphoethanolamine 'C21 H42 N O8 P'
LMT D-saccharide DODECYL-BETA-D-MALTOSIDE 'C24 H46 O11'
PYR non-polymer 'PYRUVIC ACID' 'C3 H4 O3'
#
# COMPACT_ATOMS: atom_id res chain seq x y z
N MET A 1 16.46 13.61 12.83
CA MET A 1 16.78 15.05 12.68
C MET A 1 15.93 15.89 13.66
N LEU A 2 14.60 15.71 13.70
CA LEU A 2 13.74 16.25 14.79
C LEU A 2 13.71 15.26 15.96
N ASN A 3 13.93 15.76 17.18
CA ASN A 3 13.99 14.96 18.43
C ASN A 3 12.74 15.28 19.25
N SER A 4 11.68 14.50 19.03
CA SER A 4 10.32 14.69 19.60
C SER A 4 9.83 13.35 20.17
N PHE A 5 9.46 13.31 21.44
CA PHE A 5 8.86 12.13 22.10
C PHE A 5 7.56 11.79 21.35
N LYS A 6 6.73 12.79 21.10
CA LYS A 6 5.39 12.61 20.53
C LYS A 6 5.52 12.02 19.12
N LEU A 7 6.41 12.58 18.30
CA LEU A 7 6.65 12.03 16.93
C LEU A 7 7.11 10.58 17.04
N SER A 8 8.00 10.27 18.00
CA SER A 8 8.53 8.91 18.24
C SER A 8 7.38 7.94 18.57
N LEU A 9 6.42 8.37 19.39
CA LEU A 9 5.22 7.56 19.74
C LEU A 9 4.44 7.17 18.48
N GLN A 10 4.32 8.07 17.51
CA GLN A 10 3.60 7.80 16.24
C GLN A 10 4.18 6.54 15.58
N TYR A 11 5.49 6.35 15.70
CA TYR A 11 6.26 5.23 15.10
C TYR A 11 6.35 4.06 16.09
N ILE A 12 6.35 4.33 17.40
CA ILE A 12 6.59 3.30 18.44
C ILE A 12 5.26 2.59 18.76
N LEU A 13 4.18 3.35 18.99
CA LEU A 13 2.90 2.80 19.52
C LEU A 13 2.32 1.78 18.54
N PRO A 14 1.74 0.66 19.04
CA PRO A 14 1.04 -0.29 18.20
C PRO A 14 -0.34 0.30 17.88
N LYS A 15 -0.34 1.21 16.90
CA LYS A 15 -1.50 2.04 16.52
C LYS A 15 -2.68 1.13 16.13
N LEU A 16 -2.40 0.00 15.49
CA LEU A 16 -3.43 -0.95 15.01
C LEU A 16 -4.06 -1.68 16.19
N TRP A 17 -3.26 -2.16 17.15
CA TRP A 17 -3.78 -2.86 18.35
C TRP A 17 -4.66 -1.91 19.14
N LEU A 18 -4.22 -0.66 19.31
CA LEU A 18 -5.01 0.39 19.99
C LEU A 18 -6.33 0.64 19.25
N THR A 19 -6.29 0.73 17.91
CA THR A 19 -7.48 0.95 17.06
C THR A 19 -8.47 -0.21 17.26
N ARG A 20 -7.99 -1.45 17.22
CA ARG A 20 -8.81 -2.69 17.43
C ARG A 20 -9.45 -2.65 18.82
N LEU A 21 -8.65 -2.34 19.84
CA LEU A 21 -9.09 -2.32 21.27
C LEU A 21 -10.23 -1.32 21.41
N ALA A 22 -10.06 -0.11 20.90
CA ALA A 22 -11.05 0.98 20.99
C ALA A 22 -12.30 0.61 20.18
N GLY A 23 -12.14 -0.03 19.03
CA GLY A 23 -13.28 -0.48 18.22
C GLY A 23 -14.10 -1.52 18.97
N TRP A 24 -13.44 -2.44 19.67
CA TRP A 24 -14.08 -3.46 20.54
C TRP A 24 -14.93 -2.74 21.60
N GLY A 25 -14.35 -1.79 22.33
CA GLY A 25 -15.02 -1.05 23.40
C GLY A 25 -16.17 -0.21 22.88
N ALA A 26 -16.02 0.37 21.69
CA ALA A 26 -17.00 1.31 21.13
C ALA A 26 -18.20 0.53 20.57
N SER A 27 -18.10 -0.78 20.41
CA SER A 27 -19.20 -1.65 19.89
C SER A 27 -20.02 -2.27 21.03
N LYS A 28 -19.54 -2.15 22.28
CA LYS A 28 -20.18 -2.73 23.48
C LYS A 28 -21.42 -1.92 23.87
N ARG A 29 -22.50 -2.63 24.18
CA ARG A 29 -23.69 -2.13 24.92
C ARG A 29 -23.34 -2.22 26.41
N ALA A 30 -22.70 -1.20 26.98
CA ALA A 30 -22.18 -1.22 28.37
C ALA A 30 -22.95 -0.24 29.26
N GLY A 31 -24.17 0.13 28.85
CA GLY A 31 -25.13 0.88 29.68
C GLY A 31 -24.49 2.12 30.30
N TRP A 32 -24.48 2.21 31.63
CA TRP A 32 -24.02 3.40 32.40
C TRP A 32 -22.58 3.76 32.00
N LEU A 33 -21.73 2.77 31.70
CA LEU A 33 -20.29 2.98 31.38
C LEU A 33 -20.17 3.56 29.96
N THR A 34 -20.90 3.01 29.00
CA THR A 34 -21.08 3.62 27.67
C THR A 34 -21.43 5.10 27.87
N LYS A 35 -22.47 5.37 28.64
CA LYS A 35 -23.05 6.72 28.85
C LYS A 35 -22.00 7.65 29.47
N LEU A 36 -21.26 7.14 30.46
CA LEU A 36 -20.16 7.86 31.15
C LEU A 36 -19.13 8.30 30.12
N VAL A 37 -18.57 7.35 29.36
CA VAL A 37 -17.53 7.65 28.33
C VAL A 37 -18.08 8.74 27.40
N ILE A 38 -19.31 8.58 26.88
CA ILE A 38 -19.96 9.58 25.98
C ILE A 38 -20.05 10.95 26.67
N ASP A 39 -20.47 11.00 27.93
CA ASP A 39 -20.64 12.28 28.69
C ASP A 39 -19.25 12.93 28.85
N LEU A 40 -18.23 12.16 29.18
CA LEU A 40 -16.84 12.65 29.39
C LEU A 40 -16.29 13.18 28.07
N PHE A 41 -16.56 12.47 26.97
CA PHE A 41 -16.14 12.83 25.60
C PHE A 41 -16.78 14.16 25.23
N VAL A 42 -18.10 14.25 25.44
CA VAL A 42 -18.93 15.44 25.08
C VAL A 42 -18.40 16.64 25.85
N LYS A 43 -18.09 16.45 27.13
CA LYS A 43 -17.55 17.52 28.03
C LYS A 43 -16.17 17.92 27.51
N TYR A 44 -15.24 16.99 27.43
CA TYR A 44 -13.81 17.24 27.09
C TYR A 44 -13.69 17.85 25.68
N TYR A 45 -14.49 17.46 24.70
CA TYR A 45 -14.31 17.91 23.29
C TYR A 45 -15.31 19.00 22.92
N LYS A 46 -16.20 19.39 23.84
CA LYS A 46 -17.22 20.44 23.61
C LYS A 46 -18.09 20.08 22.41
N VAL A 47 -18.67 18.88 22.40
CA VAL A 47 -19.69 18.44 21.39
C VAL A 47 -20.95 19.30 21.57
N ASP A 48 -21.54 19.76 20.47
CA ASP A 48 -22.86 20.44 20.46
C ASP A 48 -23.96 19.40 20.22
N MET A 49 -24.51 18.83 21.30
CA MET A 49 -25.56 17.78 21.22
C MET A 49 -26.88 18.39 20.75
N LYS A 50 -27.04 19.71 20.82
CA LYS A 50 -28.24 20.43 20.35
C LYS A 50 -28.46 20.13 18.86
N GLU A 51 -27.38 19.86 18.13
CA GLU A 51 -27.38 19.65 16.66
C GLU A 51 -27.80 18.21 16.32
N ALA A 52 -27.66 17.27 17.26
CA ALA A 52 -27.99 15.84 17.04
C ALA A 52 -29.52 15.64 17.00
N GLN A 53 -29.97 14.60 16.30
CA GLN A 53 -31.39 14.19 16.26
C GLN A 53 -31.84 13.77 17.66
N LYS A 54 -31.01 12.98 18.35
CA LYS A 54 -31.19 12.53 19.77
C LYS A 54 -30.15 13.26 20.63
N PRO A 55 -30.49 14.43 21.21
CA PRO A 55 -29.53 15.20 22.01
C PRO A 55 -29.18 14.54 23.34
N ASP A 56 -29.94 13.51 23.76
CA ASP A 56 -29.72 12.84 25.06
CA ASP A 56 -29.69 12.85 25.07
C ASP A 56 -28.71 11.69 24.87
N THR A 57 -27.62 11.74 25.64
CA THR A 57 -26.48 10.79 25.61
C THR A 57 -26.95 9.40 26.07
N ALA A 58 -28.05 9.29 26.84
CA ALA A 58 -28.61 7.98 27.26
C ALA A 58 -29.27 7.27 26.06
N SER A 59 -29.64 8.01 25.02
CA SER A 59 -30.28 7.42 23.81
C SER A 59 -29.30 6.48 23.06
N TYR A 60 -27.98 6.58 23.27
CA TYR A 60 -26.95 5.81 22.49
C TYR A 60 -26.58 4.53 23.24
N ARG A 61 -26.75 3.38 22.58
CA ARG A 61 -26.58 2.02 23.19
C ARG A 61 -25.10 1.66 23.22
N THR A 62 -24.29 2.17 22.28
CA THR A 62 -22.83 1.97 22.16
C THR A 62 -22.15 3.32 21.89
N PHE A 63 -20.85 3.45 22.20
CA PHE A 63 -20.07 4.68 21.91
C PHE A 63 -20.09 4.96 20.39
N ASN A 64 -19.92 3.94 19.54
CA ASN A 64 -19.83 4.09 18.05
C ASN A 64 -21.15 4.67 17.54
N GLU A 65 -22.29 4.19 18.06
CA GLU A 65 -23.64 4.76 17.74
C GLU A 65 -23.60 6.28 17.95
N PHE A 66 -23.06 6.70 19.08
CA PHE A 66 -22.90 8.14 19.42
C PHE A 66 -21.90 8.79 18.44
N PHE A 67 -20.75 8.18 18.19
CA PHE A 67 -19.66 8.78 17.37
C PHE A 67 -20.25 9.09 16.00
N VAL A 68 -21.11 8.21 15.48
CA VAL A 68 -21.72 8.37 14.13
C VAL A 68 -23.13 8.99 14.22
N ARG A 69 -23.46 9.67 15.33
CA ARG A 69 -24.83 10.22 15.57
C ARG A 69 -25.26 11.07 14.37
N PRO A 70 -26.51 10.92 13.88
CA PRO A 70 -27.06 11.78 12.83
C PRO A 70 -27.40 13.17 13.38
N LEU A 71 -27.44 14.18 12.50
CA LEU A 71 -27.85 15.57 12.85
C LEU A 71 -29.31 15.79 12.40
N ARG A 72 -29.89 16.92 12.78
CA ARG A 72 -31.23 17.33 12.27
C ARG A 72 -31.03 17.96 10.89
N ASP A 73 -31.83 17.57 9.88
CA ASP A 73 -31.68 18.09 8.48
C ASP A 73 -31.54 19.61 8.50
N GLU A 74 -32.47 20.26 9.21
CA GLU A 74 -32.63 21.74 9.28
C GLU A 74 -31.29 22.39 9.67
N VAL A 75 -30.41 21.69 10.40
CA VAL A 75 -29.19 22.31 10.97
C VAL A 75 -28.06 22.32 9.92
N ARG A 76 -28.20 21.61 8.79
CA ARG A 76 -27.22 21.69 7.68
C ARG A 76 -27.96 21.90 6.38
N PRO A 77 -28.49 23.11 6.15
CA PRO A 77 -29.12 23.45 4.88
C PRO A 77 -28.10 23.35 3.73
N ILE A 78 -28.48 22.68 2.66
CA ILE A 78 -27.70 22.48 1.42
C ILE A 78 -27.91 23.69 0.53
N ASP A 79 -26.87 24.49 0.33
CA ASP A 79 -26.90 25.58 -0.69
C ASP A 79 -27.60 25.07 -1.95
N THR A 80 -28.41 25.94 -2.58
CA THR A 80 -29.40 25.61 -3.64
C THR A 80 -28.93 26.06 -5.03
N ASP A 81 -27.83 26.86 -5.18
CA ASP A 81 -27.26 27.21 -6.50
C ASP A 81 -26.68 25.91 -7.03
N PRO A 82 -27.18 25.37 -8.15
CA PRO A 82 -26.62 24.14 -8.72
C PRO A 82 -25.22 24.32 -9.32
N ASN A 83 -24.70 25.54 -9.27
CA ASN A 83 -23.32 25.90 -9.68
C ASN A 83 -22.40 25.91 -8.46
N VAL A 84 -22.95 25.64 -7.28
CA VAL A 84 -22.22 25.64 -5.99
C VAL A 84 -22.00 24.19 -5.55
N LEU A 85 -20.72 23.81 -5.42
CA LEU A 85 -20.30 22.56 -4.74
C LEU A 85 -20.17 22.90 -3.26
N VAL A 86 -20.71 22.04 -2.41
CA VAL A 86 -20.84 22.31 -0.95
C VAL A 86 -19.81 21.49 -0.19
N MET A 87 -19.58 21.88 1.05
CA MET A 87 -18.64 21.20 1.95
C MET A 87 -19.18 19.79 2.21
N PRO A 88 -18.29 18.76 2.11
CA PRO A 88 -18.67 17.38 2.40
C PRO A 88 -18.68 17.03 3.89
N ALA A 89 -17.93 17.76 4.73
CA ALA A 89 -17.73 17.41 6.15
C ALA A 89 -17.70 18.64 7.04
N ASP A 90 -18.21 18.49 8.26
CA ASP A 90 -18.04 19.43 9.39
C ASP A 90 -16.60 19.33 9.88
N GLY A 91 -15.95 20.47 10.09
CA GLY A 91 -14.63 20.56 10.72
C GLY A 91 -13.95 21.86 10.39
N VAL A 92 -12.69 21.76 9.99
CA VAL A 92 -11.88 22.91 9.48
C VAL A 92 -11.23 22.51 8.15
N ILE A 93 -10.94 23.51 7.31
CA ILE A 93 -10.05 23.31 6.14
C ILE A 93 -8.67 23.06 6.73
N SER A 94 -8.02 21.94 6.35
CA SER A 94 -6.59 21.67 6.63
C SER A 94 -5.74 22.47 5.62
N GLN A 95 -5.89 22.14 4.34
CA GLN A 95 -5.23 22.86 3.22
C GLN A 95 -6.16 22.80 2.02
N LEU A 96 -5.98 23.70 1.06
CA LEU A 96 -6.75 23.67 -0.21
C LEU A 96 -6.03 24.54 -1.23
N GLY A 97 -6.40 24.39 -2.49
CA GLY A 97 -5.86 25.24 -3.56
C GLY A 97 -5.60 24.42 -4.81
N LYS A 98 -4.57 24.82 -5.55
CA LYS A 98 -4.24 24.25 -6.88
C LYS A 98 -3.33 23.04 -6.63
N ILE A 99 -3.55 22.01 -7.44
CA ILE A 99 -2.61 20.86 -7.55
C ILE A 99 -1.52 21.33 -8.52
N GLU A 100 -0.32 21.56 -8.03
CA GLU A 100 0.83 22.09 -8.79
C GLU A 100 1.48 20.93 -9.52
N GLU A 101 1.06 20.70 -10.76
CA GLU A 101 1.33 19.45 -11.52
C GLU A 101 0.78 18.24 -10.73
N ASP A 102 1.63 17.52 -10.02
CA ASP A 102 1.36 16.26 -9.26
C ASP A 102 1.33 16.59 -7.76
N LYS A 103 1.54 17.86 -7.39
CA LYS A 103 1.92 18.27 -6.01
C LYS A 103 0.71 18.86 -5.28
N ILE A 104 0.46 18.32 -4.07
CA ILE A 104 -0.59 18.74 -3.11
C ILE A 104 0.12 19.15 -1.84
N LEU A 105 -0.38 20.19 -1.18
CA LEU A 105 0.17 20.68 0.09
C LEU A 105 -0.46 19.91 1.25
N GLN A 106 0.35 19.34 2.12
CA GLN A 106 -0.05 18.59 3.35
C GLN A 106 0.02 19.56 4.54
N ALA A 107 0.98 20.49 4.48
CA ALA A 107 1.21 21.58 5.44
C ALA A 107 2.04 22.66 4.72
N LYS A 108 2.08 23.88 5.25
CA LYS A 108 2.94 24.96 4.72
C LYS A 108 4.34 24.37 4.48
N GLY A 109 4.83 24.41 3.24
CA GLY A 109 6.18 24.00 2.89
C GLY A 109 6.29 22.53 2.51
N HIS A 110 5.29 21.70 2.81
CA HIS A 110 5.40 20.21 2.73
C HIS A 110 4.36 19.67 1.76
N ASN A 111 4.87 19.10 0.67
CA ASN A 111 4.14 18.58 -0.52
C ASN A 111 3.99 17.06 -0.43
N TYR A 112 3.06 16.51 -1.21
CA TYR A 112 3.01 15.07 -1.52
C TYR A 112 2.41 14.93 -2.90
N SER A 113 2.62 13.73 -3.44
CA SER A 113 2.32 13.29 -4.80
C SER A 113 0.85 12.87 -4.90
N LEU A 114 0.15 13.38 -5.92
CA LEU A 114 -1.21 12.97 -6.32
C LEU A 114 -1.22 11.48 -6.66
N GLU A 115 -0.21 11.00 -7.39
CA GLU A 115 -0.06 9.57 -7.74
C GLU A 115 0.06 8.71 -6.48
N ALA A 116 0.83 9.16 -5.49
CA ALA A 116 1.01 8.47 -4.20
C ALA A 116 -0.31 8.43 -3.42
N LEU A 117 -1.08 9.54 -3.40
CA LEU A 117 -2.41 9.60 -2.74
C LEU A 117 -3.32 8.53 -3.37
N LEU A 118 -3.22 8.36 -4.68
CA LEU A 118 -4.11 7.49 -5.49
C LEU A 118 -3.44 6.14 -5.72
N ALA A 119 -2.50 5.75 -4.84
CA ALA A 119 -1.93 4.38 -4.77
C ALA A 119 -1.33 3.94 -6.12
N GLY A 120 -0.65 4.85 -6.84
CA GLY A 120 0.07 4.49 -8.08
C GLY A 120 -0.85 4.42 -9.28
N ASN A 121 -2.11 4.84 -9.13
CA ASN A 121 -3.11 4.83 -10.24
C ASN A 121 -2.85 6.07 -11.12
N TYR A 122 -1.86 6.00 -12.00
CA TYR A 122 -1.41 7.12 -12.87
C TYR A 122 -2.58 7.56 -13.78
N LEU A 123 -3.48 6.67 -14.20
CA LEU A 123 -4.60 7.08 -15.10
C LEU A 123 -5.60 7.95 -14.33
N MET A 124 -5.86 7.64 -13.06
CA MET A 124 -6.75 8.48 -12.19
C MET A 124 -6.00 9.75 -11.79
N ALA A 125 -4.67 9.68 -11.64
CA ALA A 125 -3.85 10.88 -11.33
C ALA A 125 -3.95 11.87 -12.48
N ASP A 126 -3.91 11.38 -13.72
CA ASP A 126 -3.96 12.23 -14.94
C ASP A 126 -5.26 13.04 -14.96
N LEU A 127 -6.35 12.54 -14.39
CA LEU A 127 -7.64 13.29 -14.40
C LEU A 127 -7.49 14.59 -13.59
N PHE A 128 -6.54 14.64 -12.66
CA PHE A 128 -6.50 15.71 -11.64
C PHE A 128 -5.19 16.51 -11.65
N ARG A 129 -4.22 16.16 -12.50
CA ARG A 129 -2.96 16.95 -12.69
C ARG A 129 -3.34 18.42 -12.98
N ASN A 130 -2.80 19.36 -12.20
CA ASN A 130 -3.02 20.82 -12.38
C ASN A 130 -4.46 21.20 -12.05
N GLY A 131 -5.20 20.33 -11.34
CA GLY A 131 -6.57 20.61 -10.92
C GLY A 131 -6.57 21.29 -9.56
N THR A 132 -7.62 21.00 -8.77
CA THR A 132 -7.93 21.69 -7.49
C THR A 132 -8.11 20.65 -6.39
N PHE A 133 -7.75 21.00 -5.17
CA PHE A 133 -7.93 20.06 -4.04
C PHE A 133 -8.43 20.79 -2.82
N VAL A 134 -9.15 20.05 -2.00
CA VAL A 134 -9.57 20.46 -0.63
C VAL A 134 -9.33 19.30 0.34
N THR A 135 -8.66 19.58 1.43
CA THR A 135 -8.47 18.66 2.57
C THR A 135 -9.21 19.22 3.78
N THR A 136 -10.32 18.58 4.16
CA THR A 136 -11.07 18.85 5.40
C THR A 136 -10.58 17.93 6.51
N TYR A 137 -10.36 18.50 7.69
CA TYR A 137 -9.96 17.82 8.95
C TYR A 137 -11.20 17.76 9.84
N LEU A 138 -11.64 16.54 10.18
CA LEU A 138 -12.72 16.26 11.15
C LEU A 138 -12.08 15.90 12.50
N SER A 139 -12.53 16.53 13.58
CA SER A 139 -12.02 16.31 14.96
C SER A 139 -12.98 15.42 15.73
N PRO A 140 -12.60 14.94 16.93
CA PRO A 140 -13.52 14.16 17.76
C PRO A 140 -14.87 14.84 18.03
N ARG A 141 -14.91 16.16 18.10
CA ARG A 141 -16.16 16.91 18.42
C ARG A 141 -17.09 16.95 17.20
N ASP A 142 -16.59 16.71 15.98
CA ASP A 142 -17.38 16.97 14.75
C ASP A 142 -18.31 15.80 14.49
N TYR A 143 -19.39 16.05 13.76
CA TYR A 143 -20.20 15.05 13.04
C TYR A 143 -19.23 14.25 12.16
N HIS A 144 -19.39 12.92 12.13
CA HIS A 144 -18.42 11.96 11.56
C HIS A 144 -18.96 11.27 10.30
N ARG A 145 -20.07 11.75 9.74
CA ARG A 145 -20.53 11.29 8.41
C ARG A 145 -20.11 12.32 7.37
N VAL A 146 -20.04 11.89 6.11
CA VAL A 146 -19.49 12.66 4.97
C VAL A 146 -20.51 12.60 3.82
N HIS A 147 -20.72 13.75 3.20
CA HIS A 147 -21.86 14.03 2.30
C HIS A 147 -21.30 14.46 0.95
N MET A 148 -22.14 14.42 -0.08
CA MET A 148 -21.73 14.74 -1.46
C MET A 148 -21.63 16.26 -1.60
N PRO A 149 -20.55 16.79 -2.23
CA PRO A 149 -20.46 18.21 -2.57
C PRO A 149 -21.34 18.63 -3.76
N CYS A 150 -21.77 17.66 -4.55
CA CYS A 150 -22.60 17.86 -5.76
C CYS A 150 -23.24 16.51 -6.10
N ASN A 151 -24.12 16.49 -7.10
CA ASN A 151 -24.66 15.25 -7.68
C ASN A 151 -23.48 14.49 -8.25
N GLY A 152 -23.50 13.16 -8.12
CA GLY A 152 -22.43 12.33 -8.70
C GLY A 152 -22.91 10.96 -9.05
N ILE A 153 -22.38 10.41 -10.16
CA ILE A 153 -22.46 8.96 -10.48
C ILE A 153 -21.14 8.31 -10.01
N LEU A 154 -21.21 7.38 -9.07
CA LEU A 154 -20.05 6.59 -8.61
C LEU A 154 -19.54 5.76 -9.78
N ARG A 155 -18.25 5.87 -10.12
CA ARG A 155 -17.59 5.07 -11.19
C ARG A 155 -16.56 4.11 -10.60
N GLU A 156 -15.89 4.49 -9.51
CA GLU A 156 -14.70 3.74 -9.06
C GLU A 156 -14.51 3.93 -7.57
N MET A 157 -14.19 2.86 -6.86
CA MET A 157 -13.79 2.90 -5.43
C MET A 157 -12.54 2.06 -5.29
N ILE A 158 -11.54 2.59 -4.59
CA ILE A 158 -10.27 1.87 -4.30
C ILE A 158 -10.06 1.90 -2.80
N TYR A 159 -10.03 0.73 -2.17
CA TYR A 159 -9.54 0.56 -0.77
C TYR A 159 -8.02 0.46 -0.82
N VAL A 160 -7.34 1.26 -0.01
CA VAL A 160 -5.86 1.30 0.08
C VAL A 160 -5.45 0.96 1.51
N PRO A 161 -4.70 -0.14 1.76
CA PRO A 161 -4.20 -0.40 3.10
C PRO A 161 -3.08 0.59 3.43
N GLY A 162 -2.85 0.80 4.72
CA GLY A 162 -1.82 1.74 5.16
C GLY A 162 -1.75 1.77 6.67
N ASP A 163 -1.07 2.78 7.15
CA ASP A 163 -0.81 3.06 8.58
C ASP A 163 -2.05 3.76 9.14
N LEU A 164 -2.04 3.98 10.45
CA LEU A 164 -3.04 4.75 11.20
C LEU A 164 -2.31 5.76 12.08
N PHE A 165 -1.51 6.62 11.42
CA PHE A 165 -0.93 7.83 12.03
C PHE A 165 -2.08 8.71 12.52
N SER A 166 -1.87 9.42 13.61
CA SER A 166 -2.69 10.56 14.04
C SER A 166 -2.52 11.71 13.04
N VAL A 167 -3.53 12.58 13.00
CA VAL A 167 -3.60 13.76 12.11
C VAL A 167 -3.74 15.04 12.94
N ASN A 168 -2.66 15.82 13.02
CA ASN A 168 -2.52 17.05 13.84
C ASN A 168 -1.38 17.85 13.20
N HIS A 169 -1.02 19.02 13.77
CA HIS A 169 0.01 19.92 13.18
C HIS A 169 1.39 19.24 13.21
N LEU A 170 1.70 18.47 14.26
CA LEU A 170 2.99 17.74 14.37
C LEU A 170 3.10 16.70 13.24
N THR A 171 2.09 15.85 13.06
CA THR A 171 2.16 14.79 12.03
C THR A 171 2.10 15.46 10.64
N ALA A 172 1.24 16.46 10.44
CA ALA A 172 1.10 17.12 9.12
C ALA A 172 2.44 17.76 8.70
N GLN A 173 3.24 18.22 9.66
CA GLN A 173 4.53 18.89 9.35
C GLN A 173 5.66 17.88 9.33
N ASN A 174 5.55 16.76 10.06
CA ASN A 174 6.74 15.91 10.31
C ASN A 174 6.63 14.52 9.69
N VAL A 175 5.44 14.02 9.32
CA VAL A 175 5.34 12.66 8.71
C VAL A 175 5.16 12.86 7.22
N PRO A 176 6.19 12.53 6.41
CA PRO A 176 6.08 12.68 4.96
C PRO A 176 4.96 11.76 4.46
N ASN A 177 4.19 12.24 3.47
CA ASN A 177 3.17 11.44 2.76
C ASN A 177 2.07 10.98 3.73
N LEU A 178 1.75 11.75 4.77
CA LEU A 178 0.81 11.35 5.85
C LEU A 178 -0.49 10.78 5.23
N PHE A 179 -1.12 11.50 4.31
CA PHE A 179 -2.44 11.16 3.75
C PHE A 179 -2.29 10.09 2.66
N ALA A 180 -1.10 9.97 2.09
CA ALA A 180 -0.80 8.98 1.02
C ALA A 180 -0.31 7.66 1.60
N ARG A 181 -0.03 7.59 2.90
CA ARG A 181 0.41 6.33 3.53
C ARG A 181 -0.62 5.80 4.54
N ASN A 182 -1.58 6.64 5.02
CA ASN A 182 -2.64 6.22 5.98
C ASN A 182 -3.71 5.47 5.20
N GLU A 183 -4.25 4.42 5.81
CA GLU A 183 -5.40 3.63 5.29
C GLU A 183 -6.49 4.57 4.75
N ARG A 184 -7.09 4.29 3.60
CA ARG A 184 -8.07 5.23 3.00
C ARG A 184 -8.93 4.57 1.93
N VAL A 185 -10.06 5.22 1.61
CA VAL A 185 -10.96 4.79 0.52
C VAL A 185 -11.08 5.93 -0.48
N ILE A 186 -10.77 5.64 -1.73
CA ILE A 186 -10.81 6.62 -2.85
C ILE A 186 -12.11 6.36 -3.58
N CYS A 187 -12.95 7.37 -3.72
CA CYS A 187 -14.20 7.28 -4.52
C CYS A 187 -14.09 8.25 -5.69
N LEU A 188 -14.38 7.76 -6.90
CA LEU A 188 -14.34 8.57 -8.15
C LEU A 188 -15.75 8.62 -8.73
N PHE A 189 -16.21 9.82 -9.02
CA PHE A 189 -17.58 10.13 -9.52
C PHE A 189 -17.44 10.85 -10.86
N ASP A 190 -18.38 10.62 -11.78
CA ASP A 190 -18.74 11.59 -12.84
C ASP A 190 -19.67 12.64 -12.23
N THR A 191 -19.39 13.91 -12.51
CA THR A 191 -20.23 15.06 -12.08
C THR A 191 -20.38 16.01 -13.26
N GLU A 192 -21.23 17.02 -13.09
CA GLU A 192 -21.41 18.16 -14.01
C GLU A 192 -20.12 18.95 -14.13
N PHE A 193 -19.26 18.91 -13.11
CA PHE A 193 -17.99 19.70 -13.05
C PHE A 193 -16.80 18.81 -13.41
N GLY A 194 -17.07 17.70 -14.11
CA GLY A 194 -16.05 16.72 -14.55
C GLY A 194 -15.83 15.65 -13.49
N PRO A 195 -14.71 14.88 -13.58
CA PRO A 195 -14.44 13.80 -12.66
C PRO A 195 -14.14 14.42 -11.29
N MET A 196 -14.59 13.78 -10.22
CA MET A 196 -14.37 14.28 -8.86
C MET A 196 -14.01 13.11 -7.95
N ALA A 197 -12.96 13.25 -7.14
CA ALA A 197 -12.56 12.27 -6.11
C ALA A 197 -12.94 12.81 -4.74
N GLN A 198 -13.47 11.90 -3.94
CA GLN A 198 -13.74 12.15 -2.51
C GLN A 198 -13.10 10.97 -1.80
N ILE A 199 -12.03 11.25 -1.07
CA ILE A 199 -11.13 10.28 -0.44
C ILE A 199 -11.32 10.40 1.07
N LEU A 200 -11.62 9.28 1.72
CA LEU A 200 -11.84 9.20 3.18
C LEU A 200 -10.63 8.51 3.77
N VAL A 201 -9.86 9.25 4.55
CA VAL A 201 -8.56 8.80 5.12
C VAL A 201 -8.73 8.61 6.61
N GLY A 202 -8.34 7.44 7.12
CA GLY A 202 -8.47 7.12 8.55
C GLY A 202 -7.35 7.70 9.37
N ALA A 203 -7.41 7.48 10.68
CA ALA A 203 -6.39 7.91 11.65
C ALA A 203 -6.37 6.92 12.82
N THR A 204 -5.39 7.01 13.71
CA THR A 204 -5.34 6.17 14.93
C THR A 204 -6.72 6.15 15.59
N ILE A 205 -7.20 4.98 16.01
CA ILE A 205 -8.49 4.82 16.74
C ILE A 205 -9.67 5.00 15.77
N VAL A 206 -9.82 6.17 15.16
CA VAL A 206 -10.86 6.43 14.12
C VAL A 206 -10.38 5.80 12.81
N GLY A 207 -10.37 4.46 12.76
CA GLY A 207 -9.80 3.70 11.63
C GLY A 207 -10.86 3.08 10.75
N SER A 208 -12.13 3.07 11.16
CA SER A 208 -13.22 2.37 10.41
C SER A 208 -13.83 3.32 9.40
N ILE A 209 -14.03 2.87 8.16
CA ILE A 209 -14.55 3.67 7.01
C ILE A 209 -15.71 2.90 6.39
N GLU A 210 -16.86 3.58 6.24
CA GLU A 210 -18.05 3.03 5.54
C GLU A 210 -18.36 3.92 4.33
N THR A 211 -18.98 3.33 3.31
CA THR A 211 -19.75 4.09 2.31
C THR A 211 -21.20 3.59 2.37
N VAL A 212 -22.13 4.40 1.91
CA VAL A 212 -23.58 4.02 1.97
C VAL A 212 -23.86 2.86 0.99
N TRP A 213 -23.06 2.66 -0.06
CA TRP A 213 -23.31 1.63 -1.09
C TRP A 213 -22.64 0.31 -0.72
N ALA A 214 -21.64 0.28 0.15
CA ALA A 214 -20.85 -0.95 0.43
C ALA A 214 -20.79 -1.26 1.93
N GLY A 215 -21.35 -0.42 2.81
CA GLY A 215 -21.27 -0.64 4.27
C GLY A 215 -19.85 -0.42 4.77
N THR A 216 -19.41 -1.15 5.79
CA THR A 216 -18.07 -1.02 6.38
C THR A 216 -17.04 -1.62 5.42
N ILE A 217 -16.10 -0.81 4.93
CA ILE A 217 -14.99 -1.25 4.04
C ILE A 217 -13.89 -1.87 4.91
N THR A 218 -13.62 -1.25 6.07
CA THR A 218 -12.57 -1.67 7.02
C THR A 218 -13.08 -1.29 8.41
N PRO A 219 -12.83 -2.06 9.48
CA PRO A 219 -12.15 -3.37 9.41
C PRO A 219 -13.09 -4.42 8.82
N PRO A 220 -12.63 -5.66 8.57
CA PRO A 220 -11.25 -6.08 8.82
C PRO A 220 -10.22 -5.53 7.81
N ARG A 221 -8.94 -5.61 8.19
CA ARG A 221 -7.77 -5.14 7.42
C ARG A 221 -7.06 -6.33 6.80
N GLU A 222 -7.23 -6.54 5.49
CA GLU A 222 -6.71 -7.73 4.77
C GLU A 222 -5.39 -7.46 4.02
N GLY A 223 -4.80 -6.26 4.15
CA GLY A 223 -3.45 -5.97 3.64
C GLY A 223 -3.33 -5.69 2.14
N ILE A 224 -4.42 -5.72 1.35
CA ILE A 224 -4.30 -5.59 -0.14
C ILE A 224 -5.15 -4.44 -0.66
N ILE A 225 -4.73 -3.87 -1.80
CA ILE A 225 -5.52 -2.91 -2.59
C ILE A 225 -6.70 -3.68 -3.21
N LYS A 226 -7.91 -3.13 -3.11
CA LYS A 226 -9.15 -3.64 -3.74
C LYS A 226 -9.79 -2.52 -4.55
N ARG A 227 -10.18 -2.84 -5.78
CA ARG A 227 -10.80 -1.91 -6.74
C ARG A 227 -12.19 -2.42 -7.09
N TRP A 228 -13.18 -1.53 -7.10
CA TRP A 228 -14.55 -1.79 -7.60
C TRP A 228 -14.84 -0.74 -8.66
N THR A 229 -15.56 -1.10 -9.71
CA THR A 229 -16.03 -0.16 -10.76
C THR A 229 -17.55 -0.22 -10.84
N TRP A 230 -18.16 0.87 -11.29
CA TRP A 230 -19.59 0.96 -11.62
C TRP A 230 -19.73 1.59 -13.00
N PRO A 231 -20.78 1.27 -13.76
CA PRO A 231 -20.96 1.86 -15.09
C PRO A 231 -21.38 3.32 -15.07
N ALA A 232 -21.36 3.95 -16.25
CA ALA A 232 -21.84 5.32 -16.50
C ALA A 232 -23.33 5.40 -16.10
N GLY A 233 -23.82 6.60 -15.82
CA GLY A 233 -25.15 6.85 -15.20
C GLY A 233 -26.33 6.45 -16.08
N GLU A 234 -26.12 6.23 -17.37
CA GLU A 234 -27.22 5.89 -18.33
C GLU A 234 -27.49 4.38 -18.26
N ASN A 235 -26.79 3.63 -17.42
CA ASN A 235 -26.70 2.15 -17.53
C ASN A 235 -27.26 1.52 -16.27
N ASP A 236 -27.81 0.32 -16.42
CA ASP A 236 -28.25 -0.58 -15.33
C ASP A 236 -27.05 -0.88 -14.45
N GLY A 237 -27.22 -0.90 -13.13
CA GLY A 237 -26.16 -1.21 -12.15
C GLY A 237 -25.42 0.06 -11.70
N SER A 238 -25.79 1.24 -12.22
CA SER A 238 -25.13 2.52 -11.84
C SER A 238 -25.54 2.90 -10.41
N VAL A 239 -24.73 3.71 -9.73
CA VAL A 239 -24.99 4.25 -8.37
C VAL A 239 -24.94 5.78 -8.42
N ALA A 240 -25.98 6.44 -7.94
CA ALA A 240 -26.17 7.91 -8.09
C ALA A 240 -26.44 8.48 -6.70
N LEU A 241 -25.82 9.61 -6.39
CA LEU A 241 -26.06 10.34 -5.12
C LEU A 241 -26.30 11.80 -5.49
N LEU A 242 -27.03 12.49 -4.62
CA LEU A 242 -27.40 13.91 -4.79
C LEU A 242 -26.50 14.75 -3.90
N LYS A 243 -26.32 16.01 -4.31
CA LYS A 243 -25.66 17.08 -3.51
C LYS A 243 -26.19 17.02 -2.08
N GLY A 244 -25.30 17.02 -1.09
CA GLY A 244 -25.68 17.08 0.34
C GLY A 244 -26.06 15.74 0.92
N GLN A 245 -26.36 14.73 0.11
CA GLN A 245 -26.70 13.37 0.59
C GLN A 245 -25.47 12.71 1.27
N GLU A 246 -25.69 11.89 2.30
CA GLU A 246 -24.65 11.08 2.99
C GLU A 246 -24.02 10.12 1.97
N MET A 247 -22.68 10.00 1.95
CA MET A 247 -22.00 9.01 1.07
C MET A 247 -21.14 8.06 1.90
N GLY A 248 -20.78 8.40 3.13
CA GLY A 248 -19.94 7.52 3.97
C GLY A 248 -19.82 8.04 5.39
N ARG A 249 -18.98 7.41 6.19
CA ARG A 249 -18.67 7.91 7.56
C ARG A 249 -17.39 7.27 8.08
N PHE A 250 -16.95 7.73 9.25
CA PHE A 250 -15.83 7.19 10.03
C PHE A 250 -16.34 6.74 11.40
N LYS A 251 -15.77 5.66 11.95
CA LYS A 251 -16.00 5.27 13.37
C LYS A 251 -14.75 4.59 13.93
N LEU A 252 -14.81 4.18 15.20
CA LEU A 252 -13.69 3.57 15.94
C LEU A 252 -13.58 2.10 15.54
N GLY A 253 -12.35 1.58 15.45
CA GLY A 253 -12.02 0.18 15.14
C GLY A 253 -11.31 0.06 13.82
C PYR B 1 -10.43 13.06 9.20
O PYR B 1 -10.13 14.24 9.51
CA PYR B 1 -11.06 12.16 10.23
CB PYR B 1 -10.84 10.68 9.97
N THR B 2 -10.28 12.58 7.94
CA THR B 2 -9.81 13.47 6.90
C THR B 2 -10.59 13.15 5.63
N VAL B 3 -11.02 14.17 4.90
CA VAL B 3 -11.68 14.06 3.57
C VAL B 3 -10.87 14.92 2.60
N ILE B 4 -10.48 14.33 1.48
CA ILE B 4 -9.74 15.03 0.41
C ILE B 4 -10.59 15.00 -0.86
N ASN B 5 -10.86 16.19 -1.42
CA ASN B 5 -11.52 16.33 -2.72
C ASN B 5 -10.47 16.69 -3.77
N LEU B 6 -10.57 16.08 -4.94
CA LEU B 6 -9.83 16.43 -6.16
C LEU B 6 -10.84 16.79 -7.25
N PHE B 7 -10.61 17.91 -7.97
CA PHE B 7 -11.42 18.35 -9.12
C PHE B 7 -10.52 18.54 -10.33
N ALA B 8 -11.07 18.35 -11.53
CA ALA B 8 -10.30 18.38 -12.80
C ALA B 8 -9.84 19.82 -13.03
N PRO B 9 -8.75 20.03 -13.81
CA PRO B 9 -8.29 21.39 -14.08
C PRO B 9 -9.37 22.21 -14.81
N GLY B 10 -9.51 23.47 -14.44
CA GLY B 10 -10.37 24.47 -15.10
C GLY B 10 -11.84 24.31 -14.74
N LYS B 11 -12.22 23.41 -13.82
CA LYS B 11 -13.64 23.00 -13.67
C LYS B 11 -14.31 23.76 -12.51
N VAL B 12 -13.57 24.17 -11.48
CA VAL B 12 -14.16 24.85 -10.30
C VAL B 12 -13.21 25.94 -9.82
N ASN B 13 -13.76 26.96 -9.16
CA ASN B 13 -13.03 27.95 -8.35
C ASN B 13 -13.45 27.73 -6.90
N LEU B 14 -12.48 27.52 -6.02
CA LEU B 14 -12.71 27.48 -4.56
C LEU B 14 -13.33 28.82 -4.14
N VAL B 15 -14.28 28.80 -3.22
CA VAL B 15 -14.79 30.03 -2.56
C VAL B 15 -13.56 30.79 -2.02
N GLU B 16 -13.44 32.08 -2.34
CA GLU B 16 -12.18 32.88 -2.22
C GLU B 16 -11.83 33.16 -0.75
N GLN B 17 -12.79 33.11 0.19
CA GLN B 17 -12.52 33.44 1.62
C GLN B 17 -12.03 32.22 2.39
N LEU B 18 -11.97 31.02 1.77
CA LEU B 18 -11.60 29.77 2.49
C LEU B 18 -10.07 29.65 2.51
N GLU B 19 -9.53 29.33 3.69
CA GLU B 19 -8.08 29.10 3.91
C GLU B 19 -7.93 28.09 5.05
N SER B 20 -6.70 27.66 5.31
CA SER B 20 -6.36 26.76 6.43
C SER B 20 -7.07 27.26 7.69
N LEU B 21 -7.87 26.40 8.34
CA LEU B 21 -8.54 26.63 9.67
C LEU B 21 -9.87 27.33 9.50
N SER B 22 -10.29 27.64 8.27
CA SER B 22 -11.70 28.03 7.98
C SER B 22 -12.60 26.90 8.46
N VAL B 23 -13.66 27.25 9.21
CA VAL B 23 -14.72 26.34 9.70
C VAL B 23 -15.46 25.77 8.48
N THR B 24 -15.71 24.45 8.48
CA THR B 24 -16.51 23.80 7.41
C THR B 24 -17.79 23.28 8.05
N LYS B 25 -18.88 23.41 7.32
CA LYS B 25 -20.22 22.90 7.69
C LYS B 25 -20.83 22.32 6.42
N ILE B 26 -21.28 21.08 6.53
CA ILE B 26 -21.94 20.37 5.40
C ILE B 26 -23.00 21.31 4.83
N GLY B 27 -22.99 21.52 3.53
CA GLY B 27 -24.05 22.27 2.83
C GLY B 27 -23.66 23.69 2.53
N GLN B 28 -22.66 24.24 3.21
CA GLN B 28 -22.12 25.61 2.95
C GLN B 28 -21.30 25.56 1.66
N PRO B 29 -21.06 26.70 0.99
CA PRO B 29 -20.38 26.72 -0.31
C PRO B 29 -18.88 26.38 -0.20
N LEU B 30 -18.40 25.57 -1.13
CA LEU B 30 -16.96 25.12 -1.16
C LEU B 30 -16.31 25.59 -2.46
N ALA B 31 -17.03 25.50 -3.57
CA ALA B 31 -16.52 25.93 -4.88
C ALA B 31 -17.68 26.19 -5.83
N VAL B 32 -17.40 26.86 -6.95
CA VAL B 32 -18.37 27.20 -8.03
C VAL B 32 -17.81 26.73 -9.36
N SER B 33 -18.69 26.22 -10.24
CA SER B 33 -18.40 25.92 -11.67
C SER B 33 -17.85 27.18 -12.33
N THR B 34 -17.13 27.03 -13.44
CA THR B 34 -16.38 28.12 -14.13
C THR B 34 -17.11 28.53 -15.42
N LEU C 7 2.43 -18.94 14.47
CA LEU C 7 1.53 -18.13 13.60
C LEU C 7 1.10 -16.87 14.36
N SER C 8 0.71 -17.00 15.64
CA SER C 8 0.28 -15.89 16.53
C SER C 8 1.39 -14.82 16.60
N LEU C 9 2.64 -15.26 16.75
CA LEU C 9 3.86 -14.40 16.79
C LEU C 9 3.88 -13.44 15.59
N GLN C 10 3.57 -13.96 14.41
CA GLN C 10 3.63 -13.21 13.13
C GLN C 10 2.82 -11.92 13.25
N TYR C 11 1.70 -11.93 13.99
CA TYR C 11 0.79 -10.76 14.13
C TYR C 11 1.20 -9.89 15.33
N ILE C 12 1.81 -10.48 16.36
CA ILE C 12 2.17 -9.75 17.60
C ILE C 12 3.53 -9.07 17.40
N LEU C 13 4.53 -9.76 16.85
CA LEU C 13 5.95 -9.29 16.82
C LEU C 13 6.07 -7.95 16.09
N PRO C 14 6.89 -7.01 16.61
CA PRO C 14 7.17 -5.75 15.92
C PRO C 14 8.19 -6.02 14.80
N LYS C 15 7.69 -6.60 13.71
CA LYS C 15 8.50 -7.19 12.62
C LYS C 15 9.40 -6.11 12.03
N LEU C 16 8.90 -4.89 11.93
CA LEU C 16 9.66 -3.79 11.29
C LEU C 16 10.75 -3.29 12.22
N TRP C 17 10.47 -3.14 13.53
CA TRP C 17 11.51 -2.74 14.53
C TRP C 17 12.67 -3.74 14.47
N LEU C 18 12.36 -5.04 14.52
CA LEU C 18 13.37 -6.12 14.42
C LEU C 18 14.15 -6.00 13.11
N THR C 19 13.48 -5.76 11.98
CA THR C 19 14.11 -5.59 10.65
C THR C 19 15.10 -4.42 10.69
N ARG C 20 14.69 -3.27 11.21
CA ARG C 20 15.51 -2.05 11.31
C ARG C 20 16.74 -2.34 12.16
N LEU C 21 16.53 -2.97 13.32
CA LEU C 21 17.58 -3.28 14.33
C LEU C 21 18.66 -4.12 13.66
N ALA C 22 18.25 -5.20 12.99
CA ALA C 22 19.15 -6.16 12.29
C ALA C 22 19.89 -5.44 11.16
N GLY C 23 19.18 -4.57 10.43
CA GLY C 23 19.77 -3.78 9.34
C GLY C 23 20.88 -2.88 9.84
N TRP C 24 20.65 -2.23 10.99
CA TRP C 24 21.65 -1.36 11.68
C TRP C 24 22.91 -2.19 11.98
N GLY C 25 22.76 -3.34 12.64
CA GLY C 25 23.87 -4.23 13.03
C GLY C 25 24.61 -4.79 11.83
N ALA C 26 23.88 -5.14 10.77
CA ALA C 26 24.44 -5.85 9.59
C ALA C 26 25.19 -4.86 8.71
N SER C 27 25.03 -3.56 8.92
CA SER C 27 25.71 -2.50 8.11
C SER C 27 26.99 -2.01 8.79
N LYS C 28 27.22 -2.41 10.06
CA LYS C 28 28.40 -1.99 10.86
C LYS C 28 29.64 -2.76 10.39
N ARG C 29 30.76 -2.02 10.19
CA ARG C 29 32.12 -2.57 9.97
C ARG C 29 32.69 -2.90 11.36
N ALA C 30 32.38 -4.08 11.92
CA ALA C 30 32.54 -4.38 13.37
C ALA C 30 33.58 -5.49 13.58
N GLY C 31 34.45 -5.69 12.59
CA GLY C 31 35.61 -6.61 12.66
C GLY C 31 35.25 -7.96 13.26
N TRP C 32 35.85 -8.29 14.40
CA TRP C 32 35.78 -9.62 15.07
C TRP C 32 34.31 -10.00 15.31
N LEU C 33 33.47 -9.02 15.64
CA LEU C 33 32.05 -9.24 16.02
C LEU C 33 31.24 -9.55 14.75
N THR C 34 31.43 -8.75 13.70
CA THR C 34 30.93 -9.07 12.35
C THR C 34 31.25 -10.53 12.05
N LYS C 35 32.53 -10.89 12.14
CA LYS C 35 33.08 -12.22 11.75
C LYS C 35 32.43 -13.32 12.59
N LEU C 36 32.28 -13.08 13.90
CA LEU C 36 31.62 -14.03 14.85
C LEU C 36 30.19 -14.31 14.36
N VAL C 37 29.38 -13.26 14.18
CA VAL C 37 27.96 -13.41 13.73
C VAL C 37 27.96 -14.23 12.44
N ILE C 38 28.81 -13.88 11.46
CA ILE C 38 28.90 -14.60 10.15
C ILE C 38 29.23 -16.09 10.39
N ASP C 39 30.20 -16.38 11.26
CA ASP C 39 30.63 -17.77 11.53
C ASP C 39 29.46 -18.54 12.16
N LEU C 40 28.75 -17.92 13.11
CA LEU C 40 27.60 -18.55 13.81
C LEU C 40 26.46 -18.82 12.81
N PHE C 41 26.22 -17.86 11.91
CA PHE C 41 25.18 -17.95 10.84
C PHE C 41 25.52 -19.12 9.92
N VAL C 42 26.78 -19.15 9.47
CA VAL C 42 27.30 -20.18 8.51
C VAL C 42 27.14 -21.56 9.14
N LYS C 43 27.46 -21.67 10.44
CA LYS C 43 27.32 -22.90 11.25
C LYS C 43 25.84 -23.30 11.29
N TYR C 44 24.99 -22.44 11.86
CA TYR C 44 23.55 -22.73 12.11
C TYR C 44 22.81 -23.07 10.81
N TYR C 45 23.10 -22.39 9.69
CA TYR C 45 22.29 -22.53 8.44
C TYR C 45 22.99 -23.42 7.40
N LYS C 46 24.18 -23.93 7.71
CA LYS C 46 24.93 -24.89 6.84
C LYS C 46 25.19 -24.22 5.48
N VAL C 47 25.76 -23.01 5.50
CA VAL C 47 26.20 -22.27 4.27
C VAL C 47 27.37 -23.03 3.63
N ASP C 48 27.37 -23.18 2.31
CA ASP C 48 28.50 -23.74 1.53
C ASP C 48 29.40 -22.59 1.06
N MET C 49 30.42 -22.24 1.84
CA MET C 49 31.36 -21.12 1.54
C MET C 49 32.29 -21.51 0.37
N LYS C 50 32.37 -22.80 0.02
CA LYS C 50 33.19 -23.30 -1.13
C LYS C 50 32.70 -22.59 -2.40
N GLU C 51 31.42 -22.25 -2.45
CA GLU C 51 30.75 -21.66 -3.65
C GLU C 51 31.06 -20.16 -3.77
N ALA C 52 31.45 -19.50 -2.68
CA ALA C 52 31.69 -18.03 -2.64
C ALA C 52 33.02 -17.69 -3.31
N GLN C 53 33.13 -16.49 -3.86
CA GLN C 53 34.37 -15.95 -4.45
C GLN C 53 35.42 -15.77 -3.35
N LYS C 54 35.01 -15.24 -2.19
CA LYS C 54 35.83 -15.08 -0.96
C LYS C 54 35.33 -16.08 0.09
N PRO C 55 35.85 -17.32 0.15
CA PRO C 55 35.35 -18.31 1.12
C PRO C 55 35.72 -17.97 2.59
N ASP C 56 36.65 -17.00 2.76
CA ASP C 56 37.18 -16.56 4.07
C ASP C 56 36.22 -15.56 4.73
N THR C 57 35.67 -15.89 5.89
CA THR C 57 34.57 -15.14 6.55
C THR C 57 35.14 -13.82 7.11
N ALA C 58 36.45 -13.74 7.36
CA ALA C 58 37.16 -12.50 7.75
C ALA C 58 37.17 -11.49 6.60
N SER C 59 37.06 -11.98 5.36
CA SER C 59 37.06 -11.19 4.11
C SER C 59 35.90 -10.18 4.10
N TYR C 60 34.81 -10.40 4.86
CA TYR C 60 33.58 -9.55 4.84
C TYR C 60 33.65 -8.50 5.96
N ARG C 61 33.59 -7.22 5.58
CA ARG C 61 33.73 -6.04 6.49
C ARG C 61 32.42 -5.81 7.27
N THR C 62 31.26 -6.19 6.72
CA THR C 62 29.92 -6.15 7.38
C THR C 62 29.19 -7.49 7.15
N PHE C 63 28.23 -7.85 8.01
CA PHE C 63 27.38 -9.05 7.84
C PHE C 63 26.63 -8.97 6.50
N ASN C 64 26.11 -7.80 6.12
CA ASN C 64 25.31 -7.63 4.88
C ASN C 64 26.18 -7.95 3.66
N GLU C 65 27.44 -7.49 3.66
CA GLU C 65 28.44 -7.85 2.61
C GLU C 65 28.49 -9.37 2.45
N PHE C 66 28.53 -10.09 3.57
CA PHE C 66 28.50 -11.58 3.59
C PHE C 66 27.14 -12.07 3.06
N PHE C 67 26.02 -11.53 3.54
CA PHE C 67 24.66 -12.02 3.20
C PHE C 67 24.50 -11.96 1.67
N VAL C 68 25.06 -10.91 1.06
CA VAL C 68 24.96 -10.70 -0.41
C VAL C 68 26.24 -11.20 -1.11
N ARG C 69 27.01 -12.10 -0.49
CA ARG C 69 28.32 -12.58 -1.02
C ARG C 69 28.12 -13.07 -2.45
N PRO C 70 29.03 -12.67 -3.38
CA PRO C 70 29.01 -13.17 -4.75
C PRO C 70 29.52 -14.61 -4.80
N LEU C 71 29.10 -15.37 -5.83
CA LEU C 71 29.56 -16.75 -6.08
C LEU C 71 30.62 -16.73 -7.18
N ARG C 72 31.29 -17.87 -7.39
CA ARG C 72 32.21 -18.04 -8.55
C ARG C 72 31.32 -18.38 -9.76
N ASP C 73 31.53 -17.69 -10.89
CA ASP C 73 30.77 -17.90 -12.15
C ASP C 73 30.58 -19.39 -12.40
N GLU C 74 31.69 -20.14 -12.37
CA GLU C 74 31.79 -21.56 -12.80
C GLU C 74 30.77 -22.39 -12.03
N VAL C 75 30.35 -21.97 -10.83
CA VAL C 75 29.49 -22.81 -9.95
C VAL C 75 28.01 -22.66 -10.37
N ARG C 76 27.67 -21.66 -11.20
CA ARG C 76 26.29 -21.46 -11.72
C ARG C 76 26.37 -21.24 -13.21
N PRO C 77 26.65 -22.30 -13.99
CA PRO C 77 26.65 -22.21 -15.45
C PRO C 77 25.24 -21.82 -15.95
N ILE C 78 25.19 -20.82 -16.83
CA ILE C 78 23.95 -20.33 -17.48
C ILE C 78 23.67 -21.23 -18.69
N ASP C 79 22.59 -22.03 -18.65
CA ASP C 79 22.10 -22.78 -19.83
C ASP C 79 22.26 -21.92 -21.10
N THR C 80 22.61 -22.55 -22.23
CA THR C 80 23.07 -21.90 -23.49
C THR C 80 21.95 -21.86 -24.57
N ASP C 81 20.87 -22.67 -24.48
CA ASP C 81 19.76 -22.62 -25.49
C ASP C 81 19.06 -21.28 -25.30
N PRO C 82 19.07 -20.40 -26.32
CA PRO C 82 18.32 -19.14 -26.27
C PRO C 82 16.79 -19.31 -26.20
N ASN C 83 16.31 -20.55 -26.27
CA ASN C 83 14.86 -20.91 -26.12
C ASN C 83 14.57 -21.37 -24.70
N VAL C 84 15.59 -21.37 -23.85
CA VAL C 84 15.47 -21.83 -22.44
C VAL C 84 15.53 -20.61 -21.52
N LEU C 85 14.48 -20.41 -20.73
CA LEU C 85 14.45 -19.44 -19.61
C LEU C 85 14.99 -20.17 -18.38
N VAL C 86 15.90 -19.53 -17.64
CA VAL C 86 16.62 -20.17 -16.51
C VAL C 86 16.07 -19.68 -15.18
N MET C 87 16.35 -20.43 -14.12
CA MET C 87 15.94 -20.10 -12.76
C MET C 87 16.63 -18.80 -12.35
N PRO C 88 15.86 -17.86 -11.74
CA PRO C 88 16.42 -16.59 -11.29
C PRO C 88 17.14 -16.63 -9.93
N ALA C 89 16.82 -17.61 -9.07
CA ALA C 89 17.31 -17.62 -7.67
C ALA C 89 17.60 -19.05 -7.18
N ASP C 90 18.62 -19.18 -6.33
CA ASP C 90 18.95 -20.44 -5.59
C ASP C 90 17.96 -20.59 -4.45
N GLY C 91 17.41 -21.78 -4.28
CA GLY C 91 16.52 -22.15 -3.18
C GLY C 91 15.66 -23.32 -3.59
N VAL C 92 14.36 -23.22 -3.34
CA VAL C 92 13.35 -24.25 -3.73
C VAL C 92 12.17 -23.54 -4.41
N ILE C 93 11.46 -24.26 -5.27
CA ILE C 93 10.14 -23.84 -5.80
C ILE C 93 9.20 -23.86 -4.60
N SER C 94 8.50 -22.77 -4.34
CA SER C 94 7.34 -22.71 -3.39
C SER C 94 6.10 -23.28 -4.09
N GLN C 95 5.65 -22.63 -5.17
CA GLN C 95 4.52 -23.08 -6.03
C GLN C 95 4.80 -22.59 -7.45
N LEU C 96 4.16 -23.19 -8.44
CA LEU C 96 4.29 -22.76 -9.85
C LEU C 96 3.15 -23.38 -10.65
N GLY C 97 2.91 -22.86 -11.85
CA GLY C 97 1.93 -23.41 -12.79
C GLY C 97 1.14 -22.31 -13.45
N LYS C 98 -0.14 -22.57 -13.73
CA LYS C 98 -1.03 -21.69 -14.50
C LYS C 98 -1.68 -20.70 -13.53
N ILE C 99 -1.80 -19.46 -13.99
CA ILE C 99 -2.62 -18.41 -13.33
C ILE C 99 -4.06 -18.68 -13.78
N GLU C 100 -4.92 -19.12 -12.86
CA GLU C 100 -6.32 -19.54 -13.15
C GLU C 100 -7.19 -18.28 -13.17
N GLU C 101 -7.34 -17.69 -14.36
CA GLU C 101 -7.88 -16.32 -14.56
C GLU C 101 -7.00 -15.30 -13.80
N ASP C 102 -7.43 -14.85 -12.60
CA ASP C 102 -6.78 -13.84 -11.73
C ASP C 102 -6.11 -14.56 -10.54
N LYS C 103 -6.24 -15.90 -10.47
CA LYS C 103 -5.96 -16.66 -9.22
C LYS C 103 -4.59 -17.34 -9.32
N ILE C 104 -3.77 -17.15 -8.27
CA ILE C 104 -2.41 -17.74 -8.09
C ILE C 104 -2.46 -18.56 -6.81
N LEU C 105 -1.80 -19.72 -6.80
CA LEU C 105 -1.82 -20.62 -5.62
C LEU C 105 -0.66 -20.19 -4.71
N GLN C 106 -0.97 -19.96 -3.45
CA GLN C 106 0.03 -19.58 -2.42
C GLN C 106 0.46 -20.88 -1.72
N ALA C 107 -0.52 -21.75 -1.46
CA ALA C 107 -0.39 -23.07 -0.81
C ALA C 107 -1.71 -23.82 -1.04
N LYS C 108 -1.74 -25.15 -0.82
CA LYS C 108 -2.98 -25.95 -0.93
C LYS C 108 -4.07 -25.23 -0.13
N GLY C 109 -5.18 -24.86 -0.78
CA GLY C 109 -6.36 -24.25 -0.11
C GLY C 109 -6.27 -22.74 0.03
N HIS C 110 -5.14 -22.11 -0.34
CA HIS C 110 -4.95 -20.65 -0.31
C HIS C 110 -4.59 -20.10 -1.70
N ASN C 111 -5.53 -19.38 -2.32
CA ASN C 111 -5.36 -18.59 -3.55
C ASN C 111 -5.03 -17.13 -3.20
N TYR C 112 -4.55 -16.37 -4.18
CA TYR C 112 -4.51 -14.90 -4.08
C TYR C 112 -4.64 -14.32 -5.47
N SER C 113 -5.03 -13.06 -5.50
CA SER C 113 -5.38 -12.24 -6.69
C SER C 113 -4.10 -11.71 -7.35
N LEU C 114 -3.99 -11.89 -8.67
CA LEU C 114 -2.93 -11.30 -9.51
C LEU C 114 -2.96 -9.76 -9.39
N GLU C 115 -4.15 -9.18 -9.44
CA GLU C 115 -4.36 -7.71 -9.29
C GLU C 115 -3.83 -7.23 -7.92
N ALA C 116 -4.10 -7.97 -6.86
CA ALA C 116 -3.63 -7.69 -5.49
C ALA C 116 -2.11 -7.79 -5.41
N LEU C 117 -1.49 -8.80 -6.04
CA LEU C 117 -0.01 -8.97 -6.10
C LEU C 117 0.59 -7.72 -6.74
N LEU C 118 -0.08 -7.21 -7.78
CA LEU C 118 0.42 -6.08 -8.60
C LEU C 118 -0.18 -4.75 -8.10
N ALA C 119 -0.62 -4.71 -6.83
CA ALA C 119 -1.01 -3.47 -6.12
C ALA C 119 -2.08 -2.69 -6.91
N GLY C 120 -3.08 -3.39 -7.46
CA GLY C 120 -4.24 -2.77 -8.10
C GLY C 120 -3.94 -2.32 -9.53
N ASN C 121 -2.80 -2.73 -10.09
CA ASN C 121 -2.43 -2.34 -11.48
C ASN C 121 -3.15 -3.29 -12.45
N TYR C 122 -4.42 -3.00 -12.75
CA TYR C 122 -5.30 -3.87 -13.57
C TYR C 122 -4.74 -4.01 -15.00
N LEU C 123 -4.05 -2.99 -15.52
CA LEU C 123 -3.48 -3.04 -16.91
C LEU C 123 -2.32 -4.03 -16.94
N MET C 124 -1.50 -4.09 -15.89
CA MET C 124 -0.37 -5.05 -15.80
C MET C 124 -0.94 -6.43 -15.45
N ALA C 125 -2.05 -6.50 -14.73
CA ALA C 125 -2.72 -7.78 -14.41
C ALA C 125 -3.20 -8.41 -15.72
N ASP C 126 -3.75 -7.58 -16.62
CA ASP C 126 -4.28 -8.05 -17.92
C ASP C 126 -3.18 -8.74 -18.74
N LEU C 127 -1.92 -8.33 -18.60
CA LEU C 127 -0.80 -8.94 -19.39
C LEU C 127 -0.66 -10.42 -18.98
N PHE C 128 -1.10 -10.81 -17.79
CA PHE C 128 -0.74 -12.11 -17.19
C PHE C 128 -1.95 -12.97 -16.85
N ARG C 129 -3.19 -12.51 -17.06
CA ARG C 129 -4.43 -13.29 -16.83
C ARG C 129 -4.34 -14.61 -17.63
N ASN C 130 -4.51 -15.76 -16.98
CA ASN C 130 -4.44 -17.10 -17.60
C ASN C 130 -3.03 -17.42 -18.08
N GLY C 131 -2.01 -16.72 -17.59
CA GLY C 131 -0.60 -17.00 -17.93
C GLY C 131 -0.02 -18.04 -16.99
N THR C 132 1.28 -17.90 -16.75
CA THR C 132 2.14 -18.84 -15.96
C THR C 132 2.82 -18.08 -14.82
N PHE C 133 3.01 -18.72 -13.69
CA PHE C 133 3.74 -18.11 -12.56
C PHE C 133 4.71 -19.12 -11.97
N VAL C 134 5.80 -18.60 -11.40
CA VAL C 134 6.76 -19.36 -10.58
C VAL C 134 7.09 -18.55 -9.33
N THR C 135 6.94 -19.19 -8.17
CA THR C 135 7.33 -18.63 -6.85
C THR C 135 8.51 -19.43 -6.30
N THR C 136 9.70 -18.81 -6.27
CA THR C 136 10.90 -19.35 -5.64
C THR C 136 11.03 -18.80 -4.22
N TYR C 137 11.32 -19.69 -3.26
CA TYR C 137 11.67 -19.38 -1.85
C TYR C 137 13.19 -19.48 -1.66
N LEU C 138 13.82 -18.38 -1.23
CA LEU C 138 15.25 -18.28 -0.84
C LEU C 138 15.33 -18.34 0.69
N SER C 139 16.16 -19.21 1.25
CA SER C 139 16.37 -19.37 2.71
C SER C 139 17.63 -18.61 3.16
N PRO C 140 17.83 -18.43 4.48
CA PRO C 140 19.05 -17.79 4.98
C PRO C 140 20.37 -18.42 4.46
N ARG C 141 20.38 -19.71 4.15
CA ARG C 141 21.62 -20.38 3.68
C ARG C 141 21.89 -20.05 2.21
N ASP C 142 20.89 -19.63 1.44
CA ASP C 142 21.00 -19.52 -0.04
C ASP C 142 21.73 -18.23 -0.41
N TYR C 143 22.34 -18.23 -1.59
CA TYR C 143 22.77 -17.02 -2.32
C TYR C 143 21.54 -16.11 -2.41
N HIS C 144 21.73 -14.81 -2.18
CA HIS C 144 20.63 -13.83 -1.96
C HIS C 144 20.59 -12.80 -3.08
N ARG C 145 21.33 -13.00 -4.17
CA ARG C 145 21.15 -12.17 -5.39
C ARG C 145 20.24 -12.92 -6.36
N VAL C 146 19.63 -12.17 -7.28
CA VAL C 146 18.59 -12.65 -8.23
C VAL C 146 19.00 -12.21 -9.63
N HIS C 147 18.84 -13.14 -10.57
CA HIS C 147 19.46 -13.08 -11.92
C HIS C 147 18.31 -13.18 -12.94
N MET C 148 18.57 -12.69 -14.15
CA MET C 148 17.56 -12.67 -15.24
C MET C 148 17.31 -14.09 -15.74
N PRO C 149 16.04 -14.51 -15.95
CA PRO C 149 15.74 -15.80 -16.56
C PRO C 149 15.93 -15.82 -18.09
N CYS C 150 16.00 -14.63 -18.69
CA CYS C 150 16.24 -14.43 -20.14
C CYS C 150 16.73 -13.00 -20.36
N ASN C 151 17.09 -12.66 -21.59
CA ASN C 151 17.38 -11.25 -21.96
C ASN C 151 16.09 -10.46 -21.76
N GLY C 152 16.20 -9.24 -21.24
CA GLY C 152 15.03 -8.39 -21.02
C GLY C 152 15.39 -6.93 -21.13
N ILE C 153 14.46 -6.14 -21.68
CA ILE C 153 14.46 -4.66 -21.58
C ILE C 153 13.54 -4.27 -20.41
N LEU C 154 14.10 -3.62 -19.38
CA LEU C 154 13.32 -3.09 -18.24
C LEU C 154 12.37 -2.01 -18.76
N ARG C 155 11.08 -2.13 -18.49
CA ARG C 155 10.06 -1.10 -18.89
C ARG C 155 9.50 -0.39 -17.65
N GLU C 156 9.31 -1.13 -16.56
CA GLU C 156 8.50 -0.65 -15.42
C GLU C 156 9.04 -1.26 -14.13
N MET C 157 9.20 -0.46 -13.09
CA MET C 157 9.44 -0.94 -11.72
C MET C 157 8.43 -0.27 -10.79
N ILE C 158 7.82 -1.06 -9.93
CA ILE C 158 6.82 -0.56 -8.93
C ILE C 158 7.28 -1.01 -7.55
N TYR C 159 7.59 -0.05 -6.67
CA TYR C 159 7.82 -0.30 -5.24
C TYR C 159 6.45 -0.30 -4.56
N VAL C 160 6.17 -1.35 -3.81
CA VAL C 160 4.89 -1.54 -3.10
C VAL C 160 5.19 -1.62 -1.61
N PRO C 161 4.68 -0.71 -0.76
CA PRO C 161 4.83 -0.87 0.69
C PRO C 161 3.94 -2.01 1.18
N GLY C 162 4.28 -2.53 2.36
CA GLY C 162 3.49 -3.59 2.98
C GLY C 162 4.11 -4.03 4.28
N ASP C 163 3.66 -5.18 4.77
CA ASP C 163 4.13 -5.83 6.01
C ASP C 163 5.44 -6.57 5.70
N LEU C 164 6.04 -7.15 6.73
CA LEU C 164 7.25 -7.99 6.69
C LEU C 164 6.96 -9.24 7.52
N PHE C 165 5.92 -9.94 7.10
CA PHE C 165 5.65 -11.33 7.54
C PHE C 165 6.87 -12.17 7.14
N SER C 166 7.18 -13.21 7.91
CA SER C 166 8.07 -14.32 7.51
C SER C 166 7.38 -15.08 6.37
N VAL C 167 8.19 -15.65 5.47
CA VAL C 167 7.72 -16.07 4.12
C VAL C 167 8.04 -17.55 3.93
N ASN C 168 7.90 -18.32 5.02
CA ASN C 168 8.23 -19.76 5.11
C ASN C 168 6.97 -20.58 4.78
N HIS C 169 7.06 -21.91 4.83
CA HIS C 169 5.97 -22.83 4.40
C HIS C 169 4.80 -22.73 5.39
N LEU C 170 5.06 -22.49 6.68
CA LEU C 170 4.00 -22.30 7.71
C LEU C 170 3.18 -21.04 7.40
N THR C 171 3.83 -19.89 7.19
CA THR C 171 3.13 -18.61 6.93
C THR C 171 2.47 -18.70 5.55
N ALA C 172 3.11 -19.31 4.55
CA ALA C 172 2.53 -19.57 3.22
C ALA C 172 1.21 -20.33 3.34
N GLN C 173 1.08 -21.19 4.35
CA GLN C 173 -0.14 -22.01 4.57
C GLN C 173 -1.19 -21.25 5.40
N ASN C 174 -0.80 -20.29 6.22
CA ASN C 174 -1.72 -19.72 7.23
C ASN C 174 -2.03 -18.23 7.03
N VAL C 175 -1.17 -17.43 6.38
CA VAL C 175 -1.38 -15.96 6.27
C VAL C 175 -2.00 -15.65 4.90
N PRO C 176 -3.28 -15.24 4.86
CA PRO C 176 -3.93 -14.89 3.60
C PRO C 176 -3.16 -13.76 2.89
N ASN C 177 -3.01 -13.89 1.58
CA ASN C 177 -2.47 -12.81 0.70
C ASN C 177 -1.03 -12.48 1.09
N LEU C 178 -0.27 -13.47 1.57
CA LEU C 178 1.09 -13.26 2.13
C LEU C 178 1.94 -12.46 1.14
N PHE C 179 1.97 -12.85 -0.14
CA PHE C 179 2.89 -12.26 -1.14
C PHE C 179 2.31 -10.95 -1.67
N ALA C 180 1.00 -10.76 -1.54
CA ALA C 180 0.30 -9.54 -2.01
C ALA C 180 0.24 -8.49 -0.91
N ARG C 181 0.61 -8.82 0.33
CA ARG C 181 0.58 -7.81 1.42
C ARG C 181 1.99 -7.45 1.91
N ASN C 182 3.01 -8.31 1.65
CA ASN C 182 4.40 -8.06 2.08
C ASN C 182 5.03 -7.03 1.14
N GLU C 183 5.83 -6.13 1.70
CA GLU C 183 6.69 -5.16 0.96
C GLU C 183 7.38 -5.87 -0.21
N ARG C 184 7.44 -5.24 -1.39
CA ARG C 184 7.95 -5.93 -2.59
C ARG C 184 8.26 -4.94 -3.71
N VAL C 185 9.06 -5.38 -4.68
CA VAL C 185 9.39 -4.61 -5.92
C VAL C 185 8.95 -5.44 -7.13
N ILE C 186 8.13 -4.84 -7.99
CA ILE C 186 7.62 -5.47 -9.23
C ILE C 186 8.49 -4.94 -10.36
N CYS C 187 9.15 -5.82 -11.10
CA CYS C 187 9.93 -5.40 -12.30
C CYS C 187 9.27 -6.00 -13.54
N LEU C 188 9.02 -5.16 -14.55
CA LEU C 188 8.36 -5.59 -15.81
C LEU C 188 9.33 -5.36 -16.98
N PHE C 189 9.51 -6.39 -17.78
CA PHE C 189 10.48 -6.46 -18.91
C PHE C 189 9.71 -6.80 -20.18
N ASP C 190 10.18 -6.27 -21.32
CA ASP C 190 9.94 -6.89 -22.66
C ASP C 190 11.00 -7.96 -22.86
N THR C 191 10.56 -9.11 -23.34
CA THR C 191 11.43 -10.24 -23.73
C THR C 191 10.94 -10.82 -25.04
N GLU C 192 11.72 -11.76 -25.60
CA GLU C 192 11.38 -12.60 -26.77
C GLU C 192 10.15 -13.44 -26.47
N PHE C 193 9.90 -13.78 -25.21
CA PHE C 193 8.78 -14.67 -24.79
C PHE C 193 7.60 -13.83 -24.28
N GLY C 194 7.54 -12.56 -24.67
CA GLY C 194 6.47 -11.61 -24.30
C GLY C 194 6.82 -10.83 -23.04
N PRO C 195 5.81 -10.18 -22.41
CA PRO C 195 6.05 -9.35 -21.23
C PRO C 195 6.33 -10.31 -20.07
N MET C 196 7.27 -9.95 -19.20
CA MET C 196 7.65 -10.86 -18.09
C MET C 196 7.86 -10.03 -16.82
N ALA C 197 7.28 -10.47 -15.70
CA ALA C 197 7.47 -9.86 -14.37
C ALA C 197 8.42 -10.71 -13.52
N GLN C 198 9.30 -10.04 -12.80
CA GLN C 198 10.15 -10.63 -11.75
C GLN C 198 9.93 -9.78 -10.51
N ILE C 199 9.25 -10.36 -9.52
CA ILE C 199 8.78 -9.65 -8.30
C ILE C 199 9.61 -10.12 -7.12
N LEU C 200 10.28 -9.18 -6.46
CA LEU C 200 11.15 -9.45 -5.30
C LEU C 200 10.37 -9.08 -4.05
N VAL C 201 10.00 -10.06 -3.25
CA VAL C 201 9.13 -9.91 -2.07
C VAL C 201 10.01 -10.08 -0.84
N GLY C 202 9.93 -9.13 0.09
CA GLY C 202 10.73 -9.10 1.32
C GLY C 202 10.10 -9.95 2.38
N ALA C 203 10.79 -10.10 3.52
CA ALA C 203 10.31 -10.86 4.69
C ALA C 203 10.89 -10.23 5.96
N THR C 204 10.43 -10.67 7.13
CA THR C 204 10.98 -10.20 8.44
C THR C 204 12.50 -10.25 8.37
N ILE C 205 13.17 -9.19 8.85
CA ILE C 205 14.67 -9.11 8.92
C ILE C 205 15.24 -8.90 7.50
N VAL C 206 14.99 -9.84 6.58
CA VAL C 206 15.46 -9.73 5.16
C VAL C 206 14.49 -8.81 4.41
N GLY C 207 14.50 -7.52 4.75
CA GLY C 207 13.51 -6.54 4.27
C GLY C 207 14.08 -5.59 3.22
N SER C 208 15.42 -5.62 3.00
CA SER C 208 16.09 -4.68 2.06
C SER C 208 16.11 -5.31 0.67
N ILE C 209 15.78 -4.53 -0.36
CA ILE C 209 15.64 -4.97 -1.77
C ILE C 209 16.43 -3.97 -2.61
N GLU C 210 17.32 -4.49 -3.47
CA GLU C 210 18.09 -3.68 -4.44
C GLU C 210 17.77 -4.17 -5.84
N THR C 211 17.93 -3.30 -6.82
CA THR C 211 18.13 -3.70 -8.22
C THR C 211 19.48 -3.13 -8.65
N VAL C 212 20.05 -3.68 -9.71
CA VAL C 212 21.39 -3.23 -10.21
C VAL C 212 21.25 -1.83 -10.82
N TRP C 213 20.06 -1.46 -11.31
CA TRP C 213 19.88 -0.16 -12.02
C TRP C 213 19.49 0.95 -11.05
N ALA C 214 19.02 0.66 -9.83
CA ALA C 214 18.53 1.71 -8.90
C ALA C 214 19.21 1.62 -7.53
N GLY C 215 20.01 0.59 -7.26
CA GLY C 215 20.63 0.42 -5.92
C GLY C 215 19.57 -0.03 -4.93
N THR C 216 19.69 0.36 -3.66
CA THR C 216 18.74 -0.04 -2.60
C THR C 216 17.43 0.71 -2.78
N ILE C 217 16.32 -0.01 -3.01
CA ILE C 217 14.94 0.57 -3.15
C ILE C 217 14.39 0.86 -1.76
N THR C 218 14.62 -0.05 -0.82
CA THR C 218 14.12 0.01 0.57
C THR C 218 15.19 -0.66 1.44
N PRO C 219 15.53 -0.13 2.63
CA PRO C 219 14.99 1.12 3.16
C PRO C 219 15.52 2.32 2.40
N PRO C 220 15.06 3.57 2.68
CA PRO C 220 14.01 3.84 3.68
C PRO C 220 12.59 3.41 3.28
N ARG C 221 11.67 3.33 4.26
CA ARG C 221 10.25 2.91 4.05
C ARG C 221 9.33 4.13 4.17
N GLU C 222 8.94 4.71 3.04
CA GLU C 222 8.17 5.99 2.98
C GLU C 222 6.66 5.74 2.78
N GLY C 223 6.18 4.50 2.77
CA GLY C 223 4.75 4.14 2.89
C GLY C 223 3.89 4.38 1.64
N ILE C 224 4.49 4.77 0.52
CA ILE C 224 3.74 5.03 -0.74
C ILE C 224 4.18 4.09 -1.85
N ILE C 225 3.27 3.84 -2.78
CA ILE C 225 3.57 3.18 -4.08
C ILE C 225 4.36 4.18 -4.90
N LYS C 226 5.47 3.74 -5.50
CA LYS C 226 6.32 4.47 -6.45
C LYS C 226 6.44 3.67 -7.74
N ARG C 227 6.18 4.31 -8.86
CA ARG C 227 6.32 3.74 -10.21
C ARG C 227 7.43 4.47 -10.96
N TRP C 228 8.30 3.71 -11.63
CA TRP C 228 9.32 4.25 -12.56
C TRP C 228 9.12 3.54 -13.90
N THR C 229 9.34 4.26 -14.99
CA THR C 229 9.27 3.71 -16.36
C THR C 229 10.62 3.89 -17.04
N TRP C 230 10.89 3.03 -18.01
CA TRP C 230 12.07 3.11 -18.88
C TRP C 230 11.60 2.94 -20.31
N PRO C 231 12.30 3.57 -21.28
CA PRO C 231 11.92 3.44 -22.69
C PRO C 231 12.20 2.06 -23.28
N ALA C 232 11.63 1.79 -24.46
CA ALA C 232 11.88 0.58 -25.28
C ALA C 232 13.38 0.47 -25.62
N GLY C 233 13.83 -0.71 -26.03
CA GLY C 233 15.24 -1.02 -26.35
C GLY C 233 15.86 -0.08 -27.40
N GLU C 234 17.15 0.25 -27.25
CA GLU C 234 17.95 1.01 -28.23
C GLU C 234 17.59 2.50 -28.15
N ASN C 235 16.97 2.92 -27.03
CA ASN C 235 16.68 4.35 -26.76
C ASN C 235 17.52 4.84 -25.59
N ASP C 236 17.85 6.15 -25.59
CA ASP C 236 18.66 6.82 -24.53
C ASP C 236 17.92 6.70 -23.19
N GLY C 237 18.65 6.27 -22.15
CA GLY C 237 18.10 5.89 -20.83
C GLY C 237 17.50 4.48 -20.79
N SER C 238 17.60 3.71 -21.88
CA SER C 238 17.12 2.31 -21.92
C SER C 238 18.00 1.45 -21.02
N VAL C 239 17.40 0.44 -20.36
CA VAL C 239 18.11 -0.53 -19.48
C VAL C 239 17.82 -1.94 -19.97
N ALA C 240 18.89 -2.66 -20.31
CA ALA C 240 18.85 -4.00 -20.92
C ALA C 240 19.74 -4.93 -20.08
N LEU C 241 19.27 -6.13 -19.81
CA LEU C 241 20.04 -7.12 -19.04
C LEU C 241 19.98 -8.44 -19.80
N LEU C 242 21.03 -9.25 -19.62
CA LEU C 242 21.21 -10.55 -20.31
C LEU C 242 20.75 -11.68 -19.38
N LYS C 243 20.28 -12.77 -19.98
CA LYS C 243 19.98 -14.06 -19.31
C LYS C 243 21.11 -14.37 -18.32
N GLY C 244 20.76 -14.73 -17.07
CA GLY C 244 21.73 -15.17 -16.04
C GLY C 244 22.47 -14.00 -15.39
N GLN C 245 22.40 -12.80 -15.95
CA GLN C 245 23.01 -11.59 -15.33
C GLN C 245 22.27 -11.24 -14.03
N GLU C 246 22.98 -10.73 -13.03
CA GLU C 246 22.40 -10.21 -11.77
C GLU C 246 21.43 -9.07 -12.09
N MET C 247 20.23 -9.05 -11.48
CA MET C 247 19.28 -7.92 -11.66
C MET C 247 18.94 -7.27 -10.31
N GLY C 248 19.15 -7.96 -9.19
CA GLY C 248 18.84 -7.41 -7.86
C GLY C 248 19.30 -8.33 -6.75
N ARG C 249 18.92 -8.03 -5.51
CA ARG C 249 19.30 -8.84 -4.34
C ARG C 249 18.43 -8.47 -3.14
N PHE C 250 18.54 -9.26 -2.07
CA PHE C 250 17.95 -9.05 -0.73
C PHE C 250 19.08 -8.89 0.30
N LYS C 251 18.90 -8.03 1.30
CA LYS C 251 19.78 -8.01 2.52
C LYS C 251 18.96 -7.56 3.74
N LEU C 252 19.62 -7.47 4.89
CA LEU C 252 18.96 -7.20 6.20
C LEU C 252 18.73 -5.69 6.30
N GLY C 253 17.58 -5.30 6.88
CA GLY C 253 17.21 -3.90 7.16
C GLY C 253 16.09 -3.40 6.27
C PYR D 1 12.40 -14.81 -0.56
O PYR D 1 12.14 -16.00 -0.39
CA PYR D 1 13.46 -14.18 0.31
CB PYR D 1 13.09 -12.77 0.73
N THR D 2 11.76 -14.08 -1.49
CA THR D 2 10.81 -14.72 -2.41
C THR D 2 10.88 -13.99 -3.74
N VAL D 3 10.88 -14.75 -4.83
CA VAL D 3 10.87 -14.21 -6.22
C VAL D 3 9.68 -14.83 -6.92
N ILE D 4 8.83 -13.99 -7.51
CA ILE D 4 7.65 -14.43 -8.30
C ILE D 4 7.84 -13.95 -9.74
N ASN D 5 7.77 -14.87 -10.69
CA ASN D 5 7.81 -14.58 -12.14
C ASN D 5 6.38 -14.77 -12.65
N LEU D 6 5.96 -13.92 -13.60
CA LEU D 6 4.70 -14.07 -14.37
C LEU D 6 5.08 -14.02 -15.86
N PHE D 7 4.51 -14.89 -16.70
CA PHE D 7 4.68 -14.89 -18.18
C PHE D 7 3.28 -14.86 -18.81
N ALA D 8 3.14 -14.16 -19.94
CA ALA D 8 1.85 -13.99 -20.66
C ALA D 8 1.37 -15.35 -21.15
N PRO D 9 0.07 -15.55 -21.37
CA PRO D 9 -0.45 -16.87 -21.75
C PRO D 9 0.18 -17.37 -23.05
N GLY D 10 0.52 -18.67 -23.09
CA GLY D 10 0.96 -19.39 -24.29
C GLY D 10 2.39 -19.05 -24.71
N LYS D 11 3.18 -18.39 -23.86
CA LYS D 11 4.53 -17.92 -24.25
C LYS D 11 5.61 -18.94 -23.81
N VAL D 12 5.41 -19.66 -22.70
CA VAL D 12 6.42 -20.60 -22.16
C VAL D 12 5.71 -21.84 -21.61
N ASN D 13 6.41 -22.98 -21.58
CA ASN D 13 6.07 -24.19 -20.81
C ASN D 13 7.13 -24.34 -19.71
N LEU D 14 6.68 -24.49 -18.47
CA LEU D 14 7.55 -24.84 -17.33
C LEU D 14 8.21 -26.19 -17.66
N VAL D 15 9.50 -26.36 -17.37
CA VAL D 15 10.14 -27.70 -17.50
C VAL D 15 9.35 -28.66 -16.58
N GLU D 16 8.95 -29.82 -17.11
CA GLU D 16 7.82 -30.67 -16.63
C GLU D 16 8.14 -31.33 -15.28
N GLN D 17 9.41 -31.48 -14.90
CA GLN D 17 9.79 -32.22 -13.66
C GLN D 17 9.83 -31.25 -12.47
N LEU D 18 9.55 -29.95 -12.65
CA LEU D 18 9.52 -28.97 -11.54
C LEU D 18 8.14 -29.02 -10.87
N GLU D 19 8.15 -29.11 -9.53
CA GLU D 19 6.93 -29.11 -8.67
C GLU D 19 7.30 -28.47 -7.32
N SER D 20 6.32 -28.36 -6.43
CA SER D 20 6.53 -27.80 -5.07
C SER D 20 7.79 -28.43 -4.45
N LEU D 21 8.76 -27.61 -4.04
CA LEU D 21 9.98 -27.96 -3.24
C LEU D 21 11.11 -28.48 -4.14
N SER D 22 10.93 -28.48 -5.46
CA SER D 22 12.04 -28.70 -6.42
C SER D 22 13.17 -27.71 -6.14
N VAL D 23 14.39 -28.20 -6.07
CA VAL D 23 15.62 -27.39 -5.84
C VAL D 23 15.84 -26.49 -7.05
N THR D 24 16.16 -25.21 -6.83
CA THR D 24 16.45 -24.23 -7.91
C THR D 24 17.91 -23.82 -7.77
N LYS D 25 18.59 -23.67 -8.91
CA LYS D 25 19.94 -23.03 -8.99
C LYS D 25 19.93 -22.06 -10.17
N ILE D 26 20.44 -20.86 -9.95
CA ILE D 26 20.60 -19.83 -11.00
C ILE D 26 21.26 -20.49 -12.20
N GLY D 27 20.65 -20.34 -13.39
CA GLY D 27 21.28 -20.75 -14.66
C GLY D 27 20.74 -22.09 -15.15
N GLN D 28 20.13 -22.89 -14.27
CA GLN D 28 19.46 -24.17 -14.62
C GLN D 28 18.18 -23.86 -15.41
N PRO D 29 17.63 -24.82 -16.19
CA PRO D 29 16.39 -24.60 -16.94
C PRO D 29 15.15 -24.40 -16.05
N LEU D 30 14.31 -23.42 -16.38
CA LEU D 30 13.03 -23.16 -15.68
C LEU D 30 11.86 -23.34 -16.65
N ALA D 31 12.00 -22.85 -17.89
CA ALA D 31 10.89 -22.91 -18.88
C ALA D 31 11.46 -22.77 -20.29
N VAL D 32 10.68 -23.20 -21.27
CA VAL D 32 11.05 -23.17 -22.72
C VAL D 32 9.96 -22.44 -23.49
N SER D 33 10.35 -21.66 -24.50
CA SER D 33 9.46 -21.03 -25.51
C SER D 33 8.57 -22.11 -26.13
N THR D 34 7.42 -21.73 -26.70
CA THR D 34 6.37 -22.65 -27.20
C THR D 34 6.40 -22.74 -28.73
C1B LMT E . -6.61 -12.63 10.63
C2B LMT E . -6.18 -12.86 9.17
C3B LMT E . -5.60 -11.61 8.51
C4B LMT E . -6.38 -10.35 8.87
C5B LMT E . -6.99 -10.35 10.29
C6B LMT E . -8.06 -9.30 10.50
O1B LMT E . -5.57 -12.14 11.51
O2B LMT E . -5.17 -13.86 9.04
O3B LMT E . -5.57 -11.79 7.08
O4' LMT E . -5.44 -9.29 8.77
O5B LMT E . -7.59 -11.61 10.58
O6B LMT E . -7.92 -8.26 9.52
C1' LMT E . -5.41 -13.59 15.58
C2' LMT E . -4.83 -12.24 15.13
C3' LMT E . -5.57 -11.74 13.89
C4' LMT E . -5.25 -12.73 12.79
C5' LMT E . -5.88 -14.11 13.14
C6' LMT E . -5.23 -15.21 12.30
O1' LMT E . -4.52 -14.25 16.49
O2' LMT E . -4.93 -11.24 16.14
O3' LMT E . -5.20 -10.40 13.57
O5' LMT E . -5.67 -14.53 14.50
O6' LMT E . -6.20 -16.10 11.72
C1 LMT E . -4.20 -13.56 17.71
C2 LMT E . -2.86 -12.84 17.58
C1B LMT F . -26.33 -7.14 27.24
C2B LMT F . -27.64 -6.35 27.10
C3B LMT F . -28.27 -6.21 28.50
C4B LMT F . -28.50 -7.58 29.08
C5B LMT F . -27.26 -8.49 29.05
C6B LMT F . -27.69 -9.89 29.48
O1B LMT F . -25.36 -6.43 28.07
O2B LMT F . -27.43 -5.07 26.44
O3B LMT F . -29.55 -5.58 28.50
O4' LMT F . -28.97 -7.37 30.42
O5B LMT F . -26.64 -8.47 27.73
O6B LMT F . -26.70 -10.88 29.20
C1' LMT F . -21.32 -5.80 27.87
C2' LMT F . -21.85 -6.57 26.66
C3' LMT F . -23.38 -6.63 26.60
C4' LMT F . -24.00 -6.93 27.98
C5' LMT F . -23.22 -6.30 29.16
C6' LMT F . -23.61 -6.93 30.50
O1' LMT F . -19.89 -5.75 27.91
O2' LMT F . -21.42 -5.88 25.51
O3' LMT F . -23.79 -7.56 25.59
O5' LMT F . -21.79 -6.44 29.06
O6' LMT F . -24.22 -5.94 31.34
C1 LMT F . -19.36 -4.62 28.61
C2 LMT F . -18.04 -4.99 29.29
C3 LMT F . -16.85 -4.17 28.82
C4 LMT F . -16.95 -2.69 29.20
C5 LMT F . -16.46 -1.80 28.04
C6 LMT F . -16.78 -0.33 28.26
C7 LMT F . -16.49 0.46 27.00
C8 LMT F . -17.03 1.88 27.08
C9 LMT F . -16.90 2.66 25.76
C10 LMT F . -15.43 2.83 25.35
C11 LMT F . -15.31 3.63 24.06
C12 LMT F . -14.02 3.34 23.35
P G8C G . -7.02 12.66 15.09
N G8C G . -10.58 12.51 11.59
O11 G8C G . -7.97 11.67 15.95
O12 G8C G . -7.28 14.12 15.49
O13 G8C G . -7.57 12.60 13.58
O14 G8C G . -5.60 12.20 14.90
C11 G8C G . -8.98 12.52 13.44
C12 G8C G . -9.19 12.49 11.93
C1 G8C G . -7.58 10.32 16.21
C2 G8C G . -7.28 10.07 17.67
C3 G8C G . -5.93 10.55 18.17
O31 G8C G . -5.66 10.10 19.51
O32 G8C G . -4.33 8.39 18.83
C31 G8C G . -4.71 9.03 19.79
C32 G8C G . -4.23 8.71 21.22
C33 G8C G . -3.24 7.52 21.30
O21 G8C G . -8.28 10.69 18.43
O22 G8C G . -8.50 8.85 19.65
C21 G8C G . -9.11 9.72 19.06
C22 G8C G . -10.62 9.80 18.97
C23 G8C G . -11.18 9.90 20.39
C24 G8C G . -11.72 8.56 20.88
C25 G8C G . -11.38 8.25 22.34
C26 G8C G . -12.54 7.54 23.03
C27 G8C G . -12.20 7.17 24.47
P G8C H . 12.28 -16.17 6.04
N G8C H . 13.69 -15.07 1.46
O11 G8C H . 13.53 -15.58 6.87
O12 G8C H . 12.30 -17.67 5.92
O13 G8C H . 12.22 -15.65 4.54
O14 G8C H . 11.01 -15.70 6.67
C11 G8C H . 13.33 -15.84 3.70
C12 G8C H . 13.43 -14.60 2.82
C1 G8C H . 13.43 -14.43 7.71
C2 G8C H . 13.93 -14.64 9.15
C3 G8C H . 12.87 -15.26 10.07
O31 G8C H . 12.60 -14.30 11.10
O32 G8C H . 10.91 -15.46 12.14
C31 G8C H . 11.73 -14.56 12.24
C32 G8C H . 11.83 -13.72 13.52
C33 G8C H . 12.89 -14.25 14.47
O21 G8C H . 15.15 -15.40 9.20
O22 G8C H . 16.18 -13.41 8.79
C21 G8C H . 16.31 -14.53 9.28
C22 G8C H . 17.62 -14.96 9.95
C23 G8C H . 18.69 -13.85 9.88
C24 G8C H . 19.74 -13.93 11.00
C25 G8C H . 20.60 -12.66 11.03
#